data_8ZQP
#
_entry.id   8ZQP
#
_cell.length_a   1.00
_cell.length_b   1.00
_cell.length_c   1.00
_cell.angle_alpha   90.00
_cell.angle_beta   90.00
_cell.angle_gamma   90.00
#
_symmetry.space_group_name_H-M   'P 1'
#
loop_
_entity.id
_entity.type
_entity.pdbx_description
1 polymer 'High affinity choline transporter 1'
2 branched beta-D-mannopyranose-(1-4)-2-acetamido-2-deoxy-beta-D-glucopyranose-(1-4)-2-acetamido-2-deoxy-beta-D-glucopyranose
3 non-polymer 4-methoxy-3-[(1-methylpiperidin-4-yl)oxy]-N-{[3-(propan-2-yl)-1,2-oxazol-5-yl]methyl}benzamide
4 non-polymer 'SODIUM ION'
5 water water
#
_entity_poly.entity_id   1
_entity_poly.type   'polypeptide(L)'
_entity_poly.pdbx_seq_one_letter_code
;MAFHVEGLIAIIVFYLLILLVGIWAAWRTKNSGSAEERSEAIIVGGRDIGLLVGGFTMTATWVGGGYINGTAEAVYVPGY
GLAWAQAPIGYSLSLILGGLFFAKPMRSKGYVTMLDPFQQIYGKRMGGLLFIPALMGEMFWAAAIFSALGATISVIIDVD
MHISVIISALIATLYTLVGGLYSVAYTDVVQLFCIFVGLWISVPFALSHPAVADIGFTAVHAKYQKPWLGTVDSSEVYSW
LDSFLLLMLGGIPWQAYFQRVLSSSSATYAQVLSFLAAFGCLVMAIPAILIGAIGASTDWNQTAYGLPDPKTTEEADMIL
PIVLQYLCPVYISFFGLGAVSAAVMSSADSSILSASSMFARNIYQLSFRQNASDKEIVWVMRITVFVFGASATAMALLTK
TVYGLWYLSSDLVYIVIFPQLLCVLFVKGTNTYGAVAGYVSGLFLRITGGEPYLYLQPLIFYPGYYPDDNGIYNQKFPFK
TLAMVTSFLTNICISYLAKYLFESGTLPPKLDVFDAVVARHSEENMDKTILVKNENIKLDELALVKPRQSMTLSSTFTNK
EAFLDVDSSPEGSGTEDNLQ
;
_entity_poly.pdbx_strand_id   A
#
# COMPACT_ATOMS: atom_id res chain seq x y z
N HIS A 4 -10.15 -2.45 25.61
CA HIS A 4 -11.55 -2.39 26.01
C HIS A 4 -12.12 -0.98 25.84
N VAL A 5 -12.36 -0.31 26.97
CA VAL A 5 -12.91 1.05 26.93
C VAL A 5 -11.89 2.02 26.32
N GLU A 6 -10.62 1.88 26.71
CA GLU A 6 -9.59 2.79 26.21
C GLU A 6 -9.45 2.68 24.70
N GLY A 7 -9.51 1.46 24.16
CA GLY A 7 -9.42 1.30 22.72
C GLY A 7 -10.54 1.99 21.98
N LEU A 8 -11.78 1.81 22.44
CA LEU A 8 -12.93 2.45 21.81
C LEU A 8 -12.83 3.97 21.89
N ILE A 9 -12.42 4.48 23.05
CA ILE A 9 -12.26 5.93 23.21
C ILE A 9 -11.21 6.46 22.25
N ALA A 10 -10.15 5.69 22.02
CA ALA A 10 -9.15 6.10 21.05
C ALA A 10 -9.69 6.09 19.63
N ILE A 11 -10.44 5.05 19.27
CA ILE A 11 -10.95 4.94 17.90
C ILE A 11 -11.90 6.09 17.57
N ILE A 12 -12.82 6.40 18.49
CA ILE A 12 -13.81 7.43 18.21
C ILE A 12 -13.12 8.78 17.96
N VAL A 13 -12.18 9.13 18.84
CA VAL A 13 -11.49 10.41 18.72
C VAL A 13 -10.68 10.45 17.43
N PHE A 14 -9.96 9.37 17.12
CA PHE A 14 -9.12 9.39 15.93
C PHE A 14 -9.96 9.56 14.67
N TYR A 15 -11.08 8.83 14.57
CA TYR A 15 -11.89 8.93 13.36
C TYR A 15 -12.57 10.29 13.26
N LEU A 16 -13.02 10.86 14.38
CA LEU A 16 -13.60 12.20 14.32
C LEU A 16 -12.58 13.23 13.87
N LEU A 17 -11.34 13.14 14.39
CA LEU A 17 -10.30 14.07 13.96
C LEU A 17 -9.99 13.93 12.48
N ILE A 18 -9.90 12.69 12.00
CA ILE A 18 -9.60 12.48 10.58
C ILE A 18 -10.71 13.07 9.71
N LEU A 19 -11.97 12.84 10.08
CA LEU A 19 -13.07 13.40 9.31
C LEU A 19 -13.02 14.93 9.30
N LEU A 20 -12.77 15.55 10.45
CA LEU A 20 -12.72 17.01 10.50
C LEU A 20 -11.59 17.57 9.65
N VAL A 21 -10.41 16.98 9.71
CA VAL A 21 -9.30 17.48 8.90
C VAL A 21 -9.58 17.30 7.41
N GLY A 22 -10.17 16.15 7.04
CA GLY A 22 -10.51 15.93 5.65
C GLY A 22 -11.52 16.94 5.11
N ILE A 23 -12.51 17.30 5.94
CA ILE A 23 -13.48 18.31 5.51
C ILE A 23 -12.84 19.69 5.43
N TRP A 24 -11.98 20.02 6.41
CA TRP A 24 -11.40 21.36 6.46
C TRP A 24 -10.44 21.60 5.30
N ALA A 25 -9.72 20.56 4.87
CA ALA A 25 -8.79 20.72 3.75
C ALA A 25 -9.51 21.11 2.48
N ALA A 26 -10.72 20.58 2.25
CA ALA A 26 -11.48 20.93 1.06
C ALA A 26 -11.85 22.41 1.05
N TRP A 27 -12.32 22.94 2.18
CA TRP A 27 -12.60 24.37 2.24
C TRP A 27 -11.35 25.19 2.03
N ARG A 28 -10.23 24.76 2.63
CA ARG A 28 -8.99 25.52 2.50
C ARG A 28 -8.52 25.57 1.06
N THR A 29 -8.64 24.46 0.33
CA THR A 29 -7.97 24.33 -0.96
C THR A 29 -8.94 24.16 -2.13
N LYS A 30 -10.20 24.56 -1.98
CA LYS A 30 -11.12 24.50 -3.11
C LYS A 30 -10.71 25.43 -4.23
N ASN A 31 -10.14 26.60 -3.90
CA ASN A 31 -9.82 27.60 -4.92
C ASN A 31 -8.40 27.50 -5.45
N SER A 32 -7.57 26.60 -4.92
CA SER A 32 -6.17 26.49 -5.33
C SER A 32 -6.05 25.53 -6.51
N GLY A 33 -6.21 26.10 -7.70
CA GLY A 33 -6.03 25.35 -8.93
C GLY A 33 -6.31 26.21 -10.13
N SER A 34 -6.02 25.66 -11.30
CA SER A 34 -6.37 26.33 -12.55
C SER A 34 -7.87 26.59 -12.58
N ALA A 35 -8.24 27.87 -12.66
CA ALA A 35 -9.62 28.28 -12.41
C ALA A 35 -10.58 27.69 -13.45
N GLU A 36 -10.11 27.48 -14.68
CA GLU A 36 -10.98 27.02 -15.75
C GLU A 36 -10.83 25.53 -16.05
N GLU A 37 -10.00 24.80 -15.29
CA GLU A 37 -9.84 23.36 -15.47
C GLU A 37 -9.99 22.67 -14.11
N ARG A 38 -11.24 22.37 -13.74
CA ARG A 38 -11.48 21.77 -12.43
C ARG A 38 -11.25 20.28 -12.41
N SER A 39 -11.14 19.64 -13.58
CA SER A 39 -10.92 18.19 -13.61
C SER A 39 -9.52 17.84 -13.12
N GLU A 40 -8.51 18.61 -13.51
CA GLU A 40 -7.15 18.30 -13.11
C GLU A 40 -6.88 18.68 -11.66
N ALA A 41 -7.61 19.68 -11.14
CA ALA A 41 -7.39 20.14 -9.77
C ALA A 41 -7.72 19.09 -8.73
N ILE A 42 -8.51 18.08 -9.07
CA ILE A 42 -8.86 17.02 -8.14
C ILE A 42 -8.09 15.74 -8.40
N ILE A 43 -7.19 15.73 -9.37
CA ILE A 43 -6.36 14.57 -9.71
C ILE A 43 -4.88 14.85 -9.48
N VAL A 44 -4.35 15.89 -10.13
CA VAL A 44 -2.95 16.23 -10.01
C VAL A 44 -2.69 17.32 -8.97
N GLY A 45 -3.74 18.02 -8.54
CA GLY A 45 -3.64 18.91 -7.41
C GLY A 45 -3.00 20.26 -7.67
N GLY A 46 -2.91 20.70 -8.92
CA GLY A 46 -2.31 21.99 -9.19
C GLY A 46 -0.80 21.99 -9.25
N ARG A 47 -0.16 20.84 -9.04
CA ARG A 47 1.29 20.66 -9.24
C ARG A 47 2.11 21.60 -8.36
N ASP A 48 1.74 21.69 -7.08
CA ASP A 48 2.60 22.37 -6.11
C ASP A 48 2.39 21.73 -4.74
N ILE A 49 3.20 20.72 -4.44
CA ILE A 49 3.25 20.09 -3.13
C ILE A 49 4.72 20.00 -2.72
N GLY A 50 5.02 20.51 -1.54
CA GLY A 50 6.40 20.68 -1.13
C GLY A 50 7.04 19.46 -0.52
N LEU A 51 8.11 19.67 0.24
CA LEU A 51 8.83 18.56 0.83
C LEU A 51 8.10 17.99 2.03
N LEU A 52 7.45 18.83 2.84
CA LEU A 52 6.84 18.36 4.08
C LEU A 52 5.60 17.51 3.83
N VAL A 53 4.58 18.08 3.17
CA VAL A 53 3.35 17.35 2.92
C VAL A 53 3.61 16.15 2.03
N GLY A 54 4.43 16.33 0.99
CA GLY A 54 4.76 15.22 0.12
C GLY A 54 5.50 14.12 0.84
N GLY A 55 6.46 14.47 1.68
CA GLY A 55 7.20 13.45 2.42
C GLY A 55 6.33 12.71 3.41
N PHE A 56 5.36 13.40 4.02
CA PHE A 56 4.44 12.73 4.92
C PHE A 56 3.52 11.77 4.17
N THR A 57 2.92 12.22 3.06
CA THR A 57 1.94 11.40 2.38
C THR A 57 2.58 10.22 1.65
N MET A 58 3.75 10.43 1.04
CA MET A 58 4.42 9.32 0.36
C MET A 58 4.82 8.24 1.34
N THR A 59 5.28 8.64 2.53
CA THR A 59 5.58 7.66 3.57
C THR A 59 4.33 6.95 4.04
N ALA A 60 3.23 7.69 4.24
CA ALA A 60 2.02 7.09 4.78
C ALA A 60 1.39 6.12 3.79
N THR A 61 1.59 6.32 2.48
CA THR A 61 1.04 5.40 1.50
C THR A 61 1.68 4.01 1.62
N TRP A 62 3.00 3.95 1.81
CA TRP A 62 3.73 2.69 1.77
C TRP A 62 3.86 2.02 3.14
N VAL A 63 3.38 2.63 4.20
CA VAL A 63 3.59 2.12 5.55
C VAL A 63 2.22 1.81 6.17
N GLY A 64 1.27 1.37 5.36
CA GLY A 64 -0.06 1.08 5.85
C GLY A 64 -0.27 -0.39 5.57
N GLY A 65 -1.54 -0.76 5.48
CA GLY A 65 -1.92 -2.15 5.29
C GLY A 65 -1.33 -3.15 6.26
N GLY A 66 -0.99 -4.33 5.78
CA GLY A 66 -0.35 -5.33 6.62
C GLY A 66 1.09 -5.22 7.05
N TYR A 67 1.69 -4.04 6.83
CA TYR A 67 3.12 -3.86 7.06
C TYR A 67 3.50 -4.12 8.51
N ILE A 68 3.00 -3.29 9.44
CA ILE A 68 3.41 -3.35 10.83
C ILE A 68 2.80 -4.53 11.58
N ASN A 69 1.78 -5.17 11.01
CA ASN A 69 1.18 -6.34 11.64
C ASN A 69 1.70 -7.66 11.08
N GLY A 70 2.40 -7.65 9.94
CA GLY A 70 3.00 -8.86 9.42
C GLY A 70 4.51 -8.85 9.53
N THR A 71 5.09 -7.69 9.85
CA THR A 71 6.51 -7.64 10.16
C THR A 71 6.83 -8.24 11.52
N ALA A 72 5.94 -8.07 12.51
CA ALA A 72 6.16 -8.70 13.81
C ALA A 72 5.85 -10.19 13.77
N GLU A 73 4.85 -10.59 12.98
CA GLU A 73 4.48 -12.00 12.89
C GLU A 73 5.61 -12.83 12.29
N ALA A 74 6.29 -12.30 11.27
CA ALA A 74 7.39 -13.03 10.65
C ALA A 74 8.51 -13.27 11.65
N VAL A 75 8.80 -12.28 12.49
CA VAL A 75 9.85 -12.44 13.50
C VAL A 75 9.39 -13.43 14.57
N TYR A 76 8.12 -13.38 14.97
CA TYR A 76 7.66 -14.18 16.11
C TYR A 76 7.58 -15.67 15.77
N VAL A 77 7.11 -16.01 14.58
CA VAL A 77 6.79 -17.41 14.27
C VAL A 77 8.08 -18.21 14.11
N PRO A 78 8.24 -19.32 14.82
CA PRO A 78 9.38 -20.21 14.55
C PRO A 78 9.33 -20.73 13.12
N GLY A 79 10.51 -20.93 12.54
CA GLY A 79 10.62 -21.26 11.13
C GLY A 79 10.69 -20.04 10.23
N TYR A 80 10.36 -18.86 10.77
CA TYR A 80 10.56 -17.59 10.09
C TYR A 80 11.40 -16.72 11.00
N GLY A 81 11.79 -15.56 10.48
CA GLY A 81 12.57 -14.64 11.28
C GLY A 81 12.87 -13.40 10.48
N LEU A 82 13.90 -12.68 10.92
CA LEU A 82 14.34 -11.50 10.19
C LEU A 82 14.75 -11.85 8.76
N ALA A 83 15.20 -13.09 8.55
CA ALA A 83 15.59 -13.51 7.20
C ALA A 83 14.39 -13.52 6.27
N TRP A 84 13.23 -13.93 6.76
CA TRP A 84 12.04 -14.10 5.94
C TRP A 84 11.07 -12.94 6.05
N ALA A 85 11.46 -11.85 6.69
CA ALA A 85 10.68 -10.61 6.72
C ALA A 85 11.27 -9.67 5.69
N GLN A 86 10.69 -9.67 4.48
CA GLN A 86 11.29 -9.01 3.34
C GLN A 86 10.59 -7.72 2.93
N ALA A 87 9.48 -7.37 3.57
CA ALA A 87 8.76 -6.14 3.23
C ALA A 87 9.58 -4.88 3.54
N PRO A 88 10.18 -4.74 4.74
CA PRO A 88 10.93 -3.50 5.02
C PRO A 88 12.07 -3.23 4.05
N ILE A 89 12.77 -4.29 3.60
CA ILE A 89 13.85 -4.10 2.65
C ILE A 89 13.35 -4.05 1.21
N GLY A 90 12.26 -4.73 0.90
CA GLY A 90 11.70 -4.65 -0.45
C GLY A 90 11.15 -3.27 -0.77
N TYR A 91 10.40 -2.69 0.17
CA TYR A 91 9.80 -1.38 -0.06
C TYR A 91 10.86 -0.30 -0.24
N SER A 92 11.91 -0.33 0.61
CA SER A 92 12.94 0.69 0.53
C SER A 92 13.70 0.62 -0.79
N LEU A 93 14.07 -0.58 -1.22
CA LEU A 93 14.76 -0.72 -2.49
C LEU A 93 13.86 -0.33 -3.66
N SER A 94 12.57 -0.65 -3.59
CA SER A 94 11.65 -0.22 -4.64
C SER A 94 11.57 1.30 -4.72
N LEU A 95 11.48 1.98 -3.58
CA LEU A 95 11.43 3.43 -3.57
C LEU A 95 12.73 4.04 -4.09
N ILE A 96 13.87 3.47 -3.70
CA ILE A 96 15.15 3.99 -4.17
C ILE A 96 15.27 3.84 -5.68
N LEU A 97 14.93 2.66 -6.21
CA LEU A 97 14.99 2.45 -7.66
C LEU A 97 14.04 3.38 -8.39
N GLY A 98 12.82 3.55 -7.88
CA GLY A 98 11.89 4.47 -8.50
C GLY A 98 12.44 5.89 -8.56
N GLY A 99 12.88 6.41 -7.41
CA GLY A 99 13.43 7.76 -7.39
C GLY A 99 14.64 7.91 -8.29
N LEU A 100 15.46 6.86 -8.38
CA LEU A 100 16.67 6.96 -9.20
C LEU A 100 16.35 6.97 -10.70
N PHE A 101 15.41 6.12 -11.15
CA PHE A 101 15.30 5.90 -12.58
C PHE A 101 13.98 6.33 -13.22
N PHE A 102 12.86 6.30 -12.50
CA PHE A 102 11.55 6.49 -13.13
C PHE A 102 10.89 7.82 -12.79
N ALA A 103 11.27 8.46 -11.69
CA ALA A 103 10.51 9.61 -11.20
C ALA A 103 10.77 10.87 -12.04
N LYS A 104 12.02 11.21 -12.33
CA LYS A 104 12.29 12.41 -13.12
C LYS A 104 11.74 12.36 -14.55
N PRO A 105 11.93 11.23 -15.30
CA PRO A 105 11.34 11.30 -16.66
C PRO A 105 9.83 11.53 -16.70
N MET A 106 9.07 10.88 -15.82
CA MET A 106 7.61 11.00 -15.85
C MET A 106 7.17 12.42 -15.49
N ARG A 107 7.77 13.00 -14.45
CA ARG A 107 7.37 14.34 -14.04
C ARG A 107 7.87 15.39 -15.04
N SER A 108 8.99 15.12 -15.71
CA SER A 108 9.52 16.10 -16.64
C SER A 108 8.56 16.36 -17.80
N LYS A 109 7.86 15.33 -18.26
CA LYS A 109 6.94 15.46 -19.39
C LYS A 109 5.54 15.86 -18.98
N GLY A 110 5.30 16.07 -17.68
CA GLY A 110 4.04 16.65 -17.23
C GLY A 110 2.81 15.82 -17.50
N TYR A 111 2.86 14.53 -17.19
CA TYR A 111 1.70 13.68 -17.35
C TYR A 111 0.70 13.91 -16.22
N VAL A 112 -0.49 13.35 -16.37
CA VAL A 112 -1.53 13.43 -15.37
C VAL A 112 -1.77 12.08 -14.69
N THR A 113 -1.88 11.01 -15.47
CA THR A 113 -2.07 9.67 -14.94
C THR A 113 -1.00 8.74 -15.50
N MET A 114 -0.92 7.55 -14.91
CA MET A 114 0.09 6.58 -15.33
C MET A 114 -0.21 6.04 -16.73
N LEU A 115 -1.49 6.00 -17.11
CA LEU A 115 -1.85 5.44 -18.40
C LEU A 115 -1.67 6.42 -19.54
N ASP A 116 -1.34 7.68 -19.26
CA ASP A 116 -1.10 8.67 -20.30
C ASP A 116 0.06 8.30 -21.22
N PRO A 117 1.20 7.82 -20.69
CA PRO A 117 2.27 7.38 -21.61
C PRO A 117 1.82 6.34 -22.63
N PHE A 118 0.99 5.38 -22.21
CA PHE A 118 0.63 4.28 -23.10
C PHE A 118 -0.28 4.74 -24.23
N GLN A 119 -1.28 5.57 -23.91
CA GLN A 119 -2.26 5.94 -24.91
C GLN A 119 -1.66 6.81 -26.01
N GLN A 120 -0.55 7.51 -25.71
CA GLN A 120 0.02 8.41 -26.71
C GLN A 120 0.83 7.66 -27.76
N ILE A 121 1.47 6.56 -27.38
CA ILE A 121 2.33 5.81 -28.31
C ILE A 121 1.66 4.52 -28.78
N TYR A 122 1.26 3.63 -27.87
CA TYR A 122 0.67 2.37 -28.28
C TYR A 122 -0.69 2.58 -28.96
N GLY A 123 -1.55 3.35 -28.32
CA GLY A 123 -2.89 3.60 -28.82
C GLY A 123 -3.91 3.55 -27.69
N LYS A 124 -5.07 4.15 -27.96
CA LYS A 124 -6.11 4.23 -26.93
C LYS A 124 -6.68 2.85 -26.60
N ARG A 125 -6.80 1.98 -27.59
CA ARG A 125 -7.30 0.63 -27.33
C ARG A 125 -6.34 -0.15 -26.43
N MET A 126 -5.04 -0.04 -26.67
CA MET A 126 -4.07 -0.73 -25.82
C MET A 126 -4.02 -0.10 -24.42
N GLY A 127 -4.15 1.23 -24.35
CA GLY A 127 -4.27 1.87 -23.05
C GLY A 127 -5.48 1.40 -22.27
N GLY A 128 -6.59 1.15 -22.98
CA GLY A 128 -7.76 0.58 -22.32
C GLY A 128 -7.54 -0.85 -21.87
N LEU A 129 -6.85 -1.65 -22.69
CA LEU A 129 -6.54 -3.02 -22.29
C LEU A 129 -5.61 -3.10 -21.09
N LEU A 130 -4.68 -2.14 -20.93
CA LEU A 130 -3.84 -2.12 -19.75
C LEU A 130 -4.54 -1.53 -18.53
N PHE A 131 -5.76 -1.01 -18.70
CA PHE A 131 -6.53 -0.53 -17.55
C PHE A 131 -7.07 -1.67 -16.70
N ILE A 132 -7.31 -2.83 -17.32
CA ILE A 132 -7.91 -3.95 -16.59
C ILE A 132 -7.00 -4.46 -15.46
N PRO A 133 -5.72 -4.78 -15.70
CA PRO A 133 -4.90 -5.29 -14.59
C PRO A 133 -4.75 -4.31 -13.43
N ALA A 134 -4.71 -3.01 -13.71
CA ALA A 134 -4.49 -2.03 -12.65
C ALA A 134 -5.73 -1.84 -11.78
N LEU A 135 -6.91 -1.78 -12.40
CA LEU A 135 -8.13 -1.53 -11.64
C LEU A 135 -8.41 -2.64 -10.65
N MET A 136 -8.20 -3.89 -11.06
CA MET A 136 -8.41 -5.02 -10.15
C MET A 136 -7.46 -4.94 -8.95
N GLY A 137 -6.19 -4.61 -9.20
CA GLY A 137 -5.26 -4.46 -8.10
C GLY A 137 -5.66 -3.37 -7.14
N GLU A 138 -6.05 -2.21 -7.67
CA GLU A 138 -6.44 -1.11 -6.79
C GLU A 138 -7.73 -1.41 -6.03
N MET A 139 -8.65 -2.15 -6.63
CA MET A 139 -9.92 -2.45 -5.96
C MET A 139 -9.86 -3.67 -5.06
N PHE A 140 -8.80 -4.48 -5.14
CA PHE A 140 -8.64 -5.60 -4.23
C PHE A 140 -7.67 -5.32 -3.10
N TRP A 141 -6.70 -4.42 -3.29
CA TRP A 141 -5.89 -3.97 -2.16
C TRP A 141 -6.77 -3.32 -1.10
N ALA A 142 -7.73 -2.50 -1.52
CA ALA A 142 -8.63 -1.85 -0.57
C ALA A 142 -9.52 -2.85 0.14
N ALA A 143 -10.00 -3.87 -0.58
CA ALA A 143 -10.83 -4.89 0.05
C ALA A 143 -10.04 -5.69 1.09
N ALA A 144 -8.79 -6.05 0.77
CA ALA A 144 -7.96 -6.75 1.74
C ALA A 144 -7.71 -5.88 2.96
N ILE A 145 -7.45 -4.59 2.75
CA ILE A 145 -7.23 -3.67 3.87
C ILE A 145 -8.49 -3.59 4.74
N PHE A 146 -9.66 -3.50 4.12
CA PHE A 146 -10.90 -3.41 4.88
C PHE A 146 -11.15 -4.67 5.70
N SER A 147 -10.84 -5.84 5.13
CA SER A 147 -11.00 -7.08 5.89
C SER A 147 -10.03 -7.15 7.07
N ALA A 148 -8.77 -6.76 6.84
CA ALA A 148 -7.78 -6.78 7.92
C ALA A 148 -8.16 -5.82 9.03
N LEU A 149 -8.70 -4.65 8.68
CA LEU A 149 -9.13 -3.69 9.69
C LEU A 149 -10.25 -4.27 10.56
N GLY A 150 -11.21 -4.95 9.93
CA GLY A 150 -12.27 -5.58 10.70
C GLY A 150 -11.75 -6.63 11.64
N ALA A 151 -10.82 -7.47 11.17
CA ALA A 151 -10.24 -8.48 12.06
C ALA A 151 -9.52 -7.84 13.24
N THR A 152 -8.70 -6.82 12.98
CA THR A 152 -7.94 -6.17 14.05
C THR A 152 -8.87 -5.51 15.06
N ILE A 153 -9.91 -4.82 14.59
CA ILE A 153 -10.82 -4.15 15.51
C ILE A 153 -11.62 -5.16 16.32
N SER A 154 -12.02 -6.27 15.70
CA SER A 154 -12.74 -7.29 16.45
C SER A 154 -11.85 -7.98 17.47
N VAL A 155 -10.53 -7.99 17.24
CA VAL A 155 -9.63 -8.50 18.28
C VAL A 155 -9.49 -7.49 19.41
N ILE A 156 -9.32 -6.21 19.07
CA ILE A 156 -9.06 -5.19 20.09
C ILE A 156 -10.29 -5.00 20.97
N ILE A 157 -11.46 -4.83 20.36
CA ILE A 157 -12.70 -4.58 21.08
C ILE A 157 -13.72 -5.57 20.53
N ASP A 158 -14.94 -5.58 21.08
CA ASP A 158 -15.94 -6.48 20.54
C ASP A 158 -17.06 -5.71 19.86
N VAL A 159 -16.85 -5.36 18.59
CA VAL A 159 -17.88 -4.84 17.72
C VAL A 159 -17.81 -5.65 16.42
N ASP A 160 -18.95 -6.18 16.00
CA ASP A 160 -18.96 -7.08 14.86
C ASP A 160 -18.49 -6.38 13.59
N MET A 161 -17.92 -7.17 12.68
CA MET A 161 -17.17 -6.64 11.56
C MET A 161 -17.99 -5.68 10.68
N HIS A 162 -19.29 -5.92 10.57
CA HIS A 162 -20.10 -5.16 9.63
C HIS A 162 -20.13 -3.67 9.97
N ILE A 163 -20.47 -3.35 11.22
CA ILE A 163 -20.56 -1.94 11.61
C ILE A 163 -19.22 -1.24 11.49
N SER A 164 -18.15 -1.90 11.94
CA SER A 164 -16.82 -1.30 11.88
C SER A 164 -16.41 -1.00 10.44
N VAL A 165 -16.54 -2.00 9.56
CA VAL A 165 -16.12 -1.81 8.17
C VAL A 165 -16.98 -0.74 7.49
N ILE A 166 -18.30 -0.76 7.72
CA ILE A 166 -19.16 0.23 7.08
C ILE A 166 -18.82 1.64 7.57
N ILE A 167 -18.63 1.81 8.88
CA ILE A 167 -18.36 3.14 9.42
C ILE A 167 -17.01 3.65 8.95
N SER A 168 -16.02 2.77 8.86
CA SER A 168 -14.72 3.20 8.35
C SER A 168 -14.79 3.57 6.87
N ALA A 169 -15.47 2.76 6.06
CA ALA A 169 -15.52 3.00 4.62
C ALA A 169 -16.31 4.26 4.29
N LEU A 170 -17.40 4.51 5.02
CA LEU A 170 -18.17 5.73 4.76
C LEU A 170 -17.32 6.98 5.02
N ILE A 171 -16.56 6.99 6.12
CA ILE A 171 -15.72 8.14 6.42
C ILE A 171 -14.61 8.27 5.39
N ALA A 172 -14.01 7.14 4.97
CA ALA A 172 -12.95 7.21 3.97
C ALA A 172 -13.46 7.76 2.64
N THR A 173 -14.69 7.40 2.26
CA THR A 173 -15.23 7.88 0.99
C THR A 173 -15.70 9.33 1.08
N LEU A 174 -16.25 9.72 2.24
CA LEU A 174 -16.89 11.03 2.35
C LEU A 174 -15.92 12.17 2.14
N TYR A 175 -14.80 12.17 2.87
CA TYR A 175 -13.84 13.26 2.71
C TYR A 175 -13.10 13.15 1.38
N THR A 176 -12.92 11.92 0.87
CA THR A 176 -12.22 11.75 -0.40
C THR A 176 -12.98 12.38 -1.54
N LEU A 177 -14.28 12.10 -1.68
CA LEU A 177 -15.01 12.67 -2.82
C LEU A 177 -15.20 14.18 -2.66
N VAL A 178 -15.26 14.67 -1.43
CA VAL A 178 -15.39 16.10 -1.21
C VAL A 178 -14.09 16.83 -1.56
N GLY A 179 -12.95 16.28 -1.14
CA GLY A 179 -11.70 17.00 -1.29
C GLY A 179 -10.86 16.66 -2.51
N GLY A 180 -10.59 15.39 -2.76
CA GLY A 180 -9.66 15.04 -3.81
C GLY A 180 -8.29 14.68 -3.29
N LEU A 181 -7.24 15.08 -4.01
CA LEU A 181 -5.88 14.75 -3.59
C LEU A 181 -5.50 15.51 -2.31
N TYR A 182 -5.97 16.74 -2.16
CA TYR A 182 -5.54 17.56 -1.05
C TYR A 182 -6.03 17.03 0.29
N SER A 183 -7.27 16.54 0.35
CA SER A 183 -7.77 15.94 1.58
C SER A 183 -6.98 14.69 1.94
N VAL A 184 -6.68 13.85 0.95
CA VAL A 184 -5.89 12.65 1.18
C VAL A 184 -4.50 13.01 1.72
N ALA A 185 -3.89 14.03 1.13
CA ALA A 185 -2.55 14.44 1.56
C ALA A 185 -2.55 15.09 2.94
N TYR A 186 -3.57 15.88 3.28
CA TYR A 186 -3.62 16.57 4.56
C TYR A 186 -4.12 15.66 5.69
N THR A 187 -4.75 14.53 5.37
CA THR A 187 -5.20 13.61 6.39
C THR A 187 -4.18 12.52 6.73
N ASP A 188 -3.04 12.49 6.03
CA ASP A 188 -2.00 11.50 6.29
C ASP A 188 -0.96 11.97 7.30
N VAL A 189 -0.83 13.29 7.49
CA VAL A 189 0.06 13.80 8.53
C VAL A 189 -0.40 13.34 9.90
N VAL A 190 -1.71 13.39 10.15
CA VAL A 190 -2.25 12.93 11.43
C VAL A 190 -1.99 11.45 11.62
N GLN A 191 -2.18 10.65 10.57
CA GLN A 191 -1.95 9.21 10.68
C GLN A 191 -0.49 8.90 10.98
N LEU A 192 0.43 9.54 10.28
CA LEU A 192 1.85 9.30 10.55
C LEU A 192 2.23 9.72 11.96
N PHE A 193 1.76 10.88 12.41
CA PHE A 193 2.08 11.31 13.76
C PHE A 193 1.54 10.33 14.80
N CYS A 194 0.30 9.86 14.61
CA CYS A 194 -0.29 8.91 15.54
C CYS A 194 0.51 7.62 15.60
N ILE A 195 0.84 7.05 14.43
CA ILE A 195 1.58 5.78 14.41
C ILE A 195 2.93 5.94 15.08
N PHE A 196 3.68 6.98 14.70
CA PHE A 196 5.02 7.19 15.25
C PHE A 196 4.96 7.33 16.76
N VAL A 197 4.13 8.25 17.25
CA VAL A 197 4.08 8.50 18.69
C VAL A 197 3.66 7.26 19.45
N GLY A 198 2.61 6.57 18.98
CA GLY A 198 2.13 5.42 19.71
C GLY A 198 3.15 4.31 19.81
N LEU A 199 3.74 3.91 18.67
CA LEU A 199 4.69 2.82 18.69
C LEU A 199 5.93 3.17 19.50
N TRP A 200 6.47 4.38 19.31
CA TRP A 200 7.73 4.71 19.96
C TRP A 200 7.56 5.03 21.43
N ILE A 201 6.34 5.34 21.87
CA ILE A 201 6.13 5.50 23.32
C ILE A 201 5.79 4.15 23.94
N SER A 202 5.27 3.21 23.15
CA SER A 202 4.92 1.91 23.71
C SER A 202 6.15 1.02 23.91
N VAL A 203 7.10 1.06 22.97
CA VAL A 203 8.19 0.08 22.99
C VAL A 203 9.03 0.15 24.28
N PRO A 204 9.36 1.37 24.79
CA PRO A 204 10.15 1.30 26.04
C PRO A 204 9.48 0.61 27.22
N PHE A 205 8.15 0.65 27.32
CA PHE A 205 7.48 0.10 28.50
C PHE A 205 7.38 -1.42 28.43
N ALA A 206 7.21 -1.97 27.23
CA ALA A 206 7.11 -3.41 27.07
C ALA A 206 8.42 -4.10 27.46
N LEU A 207 9.55 -3.52 27.08
CA LEU A 207 10.86 -4.14 27.29
C LEU A 207 11.22 -4.32 28.75
N SER A 208 10.58 -3.59 29.67
CA SER A 208 10.96 -3.62 31.07
C SER A 208 10.07 -4.54 31.90
N HIS A 209 9.16 -5.28 31.27
CA HIS A 209 8.31 -6.20 32.00
C HIS A 209 9.14 -7.34 32.59
N PRO A 210 8.79 -7.81 33.79
CA PRO A 210 9.58 -8.91 34.39
C PRO A 210 9.55 -10.18 33.57
N ALA A 211 8.48 -10.44 32.82
CA ALA A 211 8.38 -11.66 32.04
C ALA A 211 9.33 -11.64 30.84
N VAL A 212 9.55 -10.47 30.24
CA VAL A 212 10.39 -10.39 29.06
C VAL A 212 11.83 -10.68 29.43
N ALA A 213 12.49 -11.51 28.61
CA ALA A 213 13.89 -11.84 28.80
C ALA A 213 14.75 -10.87 27.99
N ASP A 214 16.05 -11.13 27.89
CA ASP A 214 16.97 -10.29 27.13
C ASP A 214 16.81 -10.63 25.65
N ILE A 215 16.52 -9.62 24.83
CA ILE A 215 16.32 -9.89 23.41
C ILE A 215 17.63 -10.14 22.72
N GLY A 216 18.75 -9.72 23.32
CA GLY A 216 20.05 -10.02 22.76
C GLY A 216 20.42 -11.49 22.89
N PHE A 217 20.17 -12.08 24.06
CA PHE A 217 20.46 -13.49 24.28
C PHE A 217 19.52 -14.39 23.47
N THR A 218 18.25 -14.00 23.38
CA THR A 218 17.28 -14.81 22.66
C THR A 218 17.57 -14.82 21.16
N ALA A 219 18.20 -13.76 20.64
CA ALA A 219 18.43 -13.64 19.20
C ALA A 219 19.33 -14.75 18.67
N VAL A 220 20.34 -15.14 19.43
CA VAL A 220 21.30 -16.16 18.98
C VAL A 220 21.23 -17.44 19.80
N HIS A 221 20.54 -17.45 20.93
CA HIS A 221 20.42 -18.63 21.77
C HIS A 221 18.95 -18.92 22.06
N ALA A 222 18.61 -20.20 22.15
CA ALA A 222 17.23 -20.60 22.37
C ALA A 222 16.95 -20.72 23.86
N LYS A 223 15.89 -20.05 24.32
CA LYS A 223 15.46 -20.13 25.71
C LYS A 223 14.08 -20.73 25.87
N TYR A 224 13.07 -20.20 25.17
CA TYR A 224 11.74 -20.79 25.13
C TYR A 224 11.36 -21.32 23.76
N GLN A 225 12.02 -20.87 22.70
CA GLN A 225 11.76 -21.34 21.34
C GLN A 225 13.01 -21.04 20.52
N LYS A 226 12.90 -21.26 19.21
CA LYS A 226 14.06 -21.09 18.35
C LYS A 226 14.43 -19.60 18.22
N PRO A 227 15.71 -19.32 17.95
CA PRO A 227 16.14 -17.93 17.78
C PRO A 227 15.37 -17.22 16.67
N TRP A 228 15.21 -15.90 16.83
CA TRP A 228 14.35 -15.12 15.95
C TRP A 228 15.09 -14.42 14.82
N LEU A 229 16.39 -14.64 14.66
CA LEU A 229 17.07 -14.10 13.48
C LEU A 229 16.73 -14.90 12.23
N GLY A 230 16.58 -16.21 12.36
CA GLY A 230 16.19 -17.05 11.25
C GLY A 230 17.37 -17.55 10.43
N THR A 231 17.04 -18.37 9.45
CA THR A 231 18.04 -19.00 8.58
C THR A 231 17.38 -19.34 7.26
N VAL A 232 18.13 -19.15 6.18
CA VAL A 232 17.69 -19.50 4.82
C VAL A 232 18.47 -20.71 4.37
N ASP A 233 17.76 -21.81 4.11
CA ASP A 233 18.41 -23.05 3.71
C ASP A 233 18.84 -22.99 2.25
N SER A 234 19.65 -23.98 1.85
CA SER A 234 20.18 -23.99 0.49
C SER A 234 19.06 -24.22 -0.53
N SER A 235 18.01 -24.94 -0.14
CA SER A 235 16.91 -25.21 -1.08
C SER A 235 16.06 -23.97 -1.29
N GLU A 236 15.96 -23.10 -0.28
CA GLU A 236 15.02 -21.99 -0.30
C GLU A 236 15.59 -20.72 -0.88
N VAL A 237 16.78 -20.75 -1.49
CA VAL A 237 17.38 -19.53 -2.00
C VAL A 237 16.54 -18.94 -3.13
N TYR A 238 16.11 -19.78 -4.07
CA TYR A 238 15.39 -19.29 -5.24
C TYR A 238 13.99 -18.78 -4.87
N SER A 239 13.30 -19.47 -3.96
CA SER A 239 12.01 -18.97 -3.50
C SER A 239 12.15 -17.64 -2.79
N TRP A 240 13.20 -17.49 -1.98
CA TRP A 240 13.46 -16.23 -1.31
C TRP A 240 13.71 -15.12 -2.32
N LEU A 241 14.52 -15.40 -3.35
CA LEU A 241 14.80 -14.38 -4.36
C LEU A 241 13.54 -13.98 -5.11
N ASP A 242 12.69 -14.96 -5.46
CA ASP A 242 11.45 -14.63 -6.16
C ASP A 242 10.53 -13.78 -5.28
N SER A 243 10.37 -14.15 -4.01
CA SER A 243 9.51 -13.39 -3.12
C SER A 243 10.03 -11.97 -2.91
N PHE A 244 11.34 -11.82 -2.78
CA PHE A 244 11.91 -10.48 -2.65
C PHE A 244 11.71 -9.65 -3.91
N LEU A 245 11.97 -10.26 -5.08
CA LEU A 245 11.85 -9.54 -6.34
C LEU A 245 10.43 -9.10 -6.62
N LEU A 246 9.43 -9.87 -6.19
CA LEU A 246 8.04 -9.44 -6.38
C LEU A 246 7.81 -8.07 -5.74
N LEU A 247 8.17 -7.92 -4.46
CA LEU A 247 7.99 -6.65 -3.78
C LEU A 247 8.90 -5.57 -4.36
N MET A 248 10.14 -5.93 -4.71
CA MET A 248 11.10 -4.91 -5.13
C MET A 248 10.73 -4.32 -6.49
N LEU A 249 10.36 -5.15 -7.45
CA LEU A 249 10.09 -4.70 -8.81
C LEU A 249 8.60 -4.64 -9.13
N GLY A 250 7.73 -4.87 -8.15
CA GLY A 250 6.31 -4.84 -8.42
C GLY A 250 5.58 -3.74 -7.67
N GLY A 251 6.30 -2.99 -6.86
CA GLY A 251 5.71 -1.88 -6.14
C GLY A 251 5.74 -0.59 -6.92
N ILE A 252 6.56 -0.53 -7.96
CA ILE A 252 6.72 0.67 -8.77
C ILE A 252 5.51 0.89 -9.69
N PRO A 253 5.11 -0.09 -10.53
CA PRO A 253 4.08 0.23 -11.55
C PRO A 253 2.67 0.34 -10.96
N TRP A 254 2.51 1.27 -10.01
CA TRP A 254 1.21 1.57 -9.43
C TRP A 254 0.94 3.06 -9.55
N GLN A 255 -0.33 3.40 -9.77
CA GLN A 255 -0.72 4.80 -9.87
C GLN A 255 -0.80 5.49 -8.52
N ALA A 256 -0.99 4.74 -7.43
CA ALA A 256 -0.90 5.35 -6.11
C ALA A 256 0.49 5.93 -5.87
N TYR A 257 1.52 5.32 -6.46
CA TYR A 257 2.86 5.88 -6.36
C TYR A 257 3.05 7.06 -7.31
N PHE A 258 2.48 6.99 -8.51
CA PHE A 258 2.70 7.98 -9.54
C PHE A 258 1.77 9.18 -9.42
N GLN A 259 0.85 9.17 -8.47
CA GLN A 259 0.00 10.33 -8.20
C GLN A 259 0.68 11.35 -7.31
N ARG A 260 1.78 10.97 -6.66
CA ARG A 260 2.59 11.89 -5.87
C ARG A 260 3.90 12.26 -6.53
N VAL A 261 4.38 11.43 -7.46
CA VAL A 261 5.51 11.80 -8.30
C VAL A 261 5.13 12.87 -9.32
N LEU A 262 3.90 12.83 -9.83
CA LEU A 262 3.45 13.77 -10.85
C LEU A 262 2.81 15.02 -10.27
N SER A 263 2.72 15.14 -8.95
CA SER A 263 2.08 16.28 -8.30
C SER A 263 3.08 17.15 -7.55
N SER A 264 4.37 17.00 -7.81
CA SER A 264 5.41 17.75 -7.11
C SER A 264 5.81 18.98 -7.92
N SER A 265 6.54 19.88 -7.25
CA SER A 265 6.84 21.18 -7.83
C SER A 265 7.71 21.06 -9.08
N SER A 266 8.69 20.17 -9.06
CA SER A 266 9.57 19.98 -10.20
C SER A 266 10.11 18.56 -10.20
N ALA A 267 10.94 18.27 -11.20
CA ALA A 267 11.53 16.93 -11.30
C ALA A 267 12.45 16.64 -10.12
N THR A 268 13.23 17.64 -9.70
CA THR A 268 14.16 17.45 -8.59
C THR A 268 13.45 17.17 -7.27
N TYR A 269 12.23 17.67 -7.10
CA TYR A 269 11.48 17.44 -5.87
C TYR A 269 10.64 16.17 -5.93
N ALA A 270 10.65 15.47 -7.07
CA ALA A 270 10.00 14.18 -7.20
C ALA A 270 10.94 13.02 -6.92
N GLN A 271 12.23 13.30 -6.77
CA GLN A 271 13.24 12.32 -6.37
C GLN A 271 13.47 12.34 -4.87
N VAL A 272 13.52 13.54 -4.29
CA VAL A 272 13.77 13.68 -2.86
C VAL A 272 12.64 13.08 -2.05
N LEU A 273 11.40 13.13 -2.55
CA LEU A 273 10.30 12.52 -1.83
C LEU A 273 10.45 10.99 -1.76
N SER A 274 10.86 10.37 -2.86
CA SER A 274 11.10 8.92 -2.83
C SER A 274 12.26 8.58 -1.91
N PHE A 275 13.34 9.37 -1.97
CA PHE A 275 14.48 9.13 -1.09
C PHE A 275 14.15 9.36 0.38
N LEU A 276 13.18 10.23 0.68
CA LEU A 276 12.75 10.47 2.05
C LEU A 276 11.74 9.45 2.53
N ALA A 277 10.95 8.85 1.64
CA ALA A 277 10.07 7.75 1.99
C ALA A 277 10.79 6.44 2.19
N ALA A 278 11.89 6.20 1.46
CA ALA A 278 12.70 5.02 1.70
C ALA A 278 13.25 5.01 3.12
N PHE A 279 13.68 6.17 3.60
CA PHE A 279 14.16 6.29 4.98
C PHE A 279 13.02 6.08 5.98
N GLY A 280 11.83 6.63 5.67
CA GLY A 280 10.72 6.49 6.60
C GLY A 280 10.25 5.06 6.74
N CYS A 281 10.29 4.29 5.65
CA CYS A 281 9.89 2.89 5.72
C CYS A 281 10.78 2.11 6.69
N LEU A 282 12.09 2.39 6.66
CA LEU A 282 13.00 1.74 7.61
C LEU A 282 12.81 2.27 9.02
N VAL A 283 12.56 3.58 9.16
CA VAL A 283 12.40 4.16 10.49
C VAL A 283 11.17 3.63 11.20
N MET A 284 10.07 3.40 10.48
CA MET A 284 8.83 2.95 11.11
C MET A 284 8.73 1.44 11.24
N ALA A 285 9.78 0.71 10.90
CA ALA A 285 9.77 -0.75 10.98
C ALA A 285 10.53 -1.30 12.18
N ILE A 286 11.38 -0.50 12.82
CA ILE A 286 12.16 -0.94 13.97
C ILE A 286 11.26 -1.30 15.16
N PRO A 287 10.28 -0.47 15.54
CA PRO A 287 9.41 -0.89 16.67
C PRO A 287 8.65 -2.17 16.41
N ALA A 288 8.23 -2.44 15.17
CA ALA A 288 7.55 -3.70 14.88
C ALA A 288 8.48 -4.89 15.10
N ILE A 289 9.72 -4.79 14.63
CA ILE A 289 10.69 -5.86 14.85
C ILE A 289 10.96 -6.05 16.33
N LEU A 290 11.06 -4.94 17.07
CA LEU A 290 11.28 -5.03 18.51
C LEU A 290 10.10 -5.69 19.22
N ILE A 291 8.87 -5.38 18.83
CA ILE A 291 7.71 -6.02 19.44
C ILE A 291 7.68 -7.51 19.11
N GLY A 292 8.04 -7.88 17.88
CA GLY A 292 8.12 -9.29 17.55
C GLY A 292 9.16 -10.02 18.37
N ALA A 293 10.32 -9.40 18.57
CA ALA A 293 11.36 -10.02 19.41
C ALA A 293 10.90 -10.14 20.86
N ILE A 294 10.20 -9.12 21.36
CA ILE A 294 9.68 -9.18 22.73
C ILE A 294 8.76 -10.40 22.77
N GLY A 295 7.78 -10.47 21.88
CA GLY A 295 6.84 -11.57 21.90
C GLY A 295 7.53 -12.93 21.85
N ALA A 296 8.59 -13.03 21.07
CA ALA A 296 9.35 -14.28 21.00
C ALA A 296 10.04 -14.60 22.32
N SER A 297 10.56 -13.58 23.00
CA SER A 297 11.33 -13.81 24.22
C SER A 297 10.46 -13.93 25.47
N THR A 298 9.17 -13.60 25.37
CA THR A 298 8.33 -13.55 26.56
C THR A 298 7.97 -14.95 27.04
N ASP A 299 7.62 -15.04 28.32
CA ASP A 299 7.17 -16.29 28.96
C ASP A 299 5.69 -16.11 29.32
N TRP A 300 4.79 -16.59 28.45
CA TRP A 300 3.36 -16.37 28.63
C TRP A 300 2.80 -17.33 29.68
N ASN A 301 3.37 -17.24 30.88
CA ASN A 301 2.87 -17.97 32.03
C ASN A 301 2.72 -17.10 33.26
N GLN A 302 3.42 -15.97 33.32
CA GLN A 302 3.23 -14.97 34.37
C GLN A 302 2.32 -13.83 33.96
N THR A 303 2.12 -13.62 32.65
CA THR A 303 1.18 -12.63 32.19
C THR A 303 -0.24 -13.19 32.19
N ALA A 304 -1.21 -12.33 31.92
CA ALA A 304 -2.61 -12.71 32.01
C ALA A 304 -3.08 -13.57 30.83
N TYR A 305 -2.26 -13.72 29.78
CA TYR A 305 -2.72 -14.45 28.60
C TYR A 305 -2.89 -15.93 28.87
N GLY A 306 -2.28 -16.46 29.92
CA GLY A 306 -2.43 -17.87 30.24
C GLY A 306 -1.39 -18.74 29.55
N LEU A 307 -1.32 -19.99 30.01
CA LEU A 307 -0.28 -20.91 29.54
C LEU A 307 -0.29 -21.15 28.03
N PRO A 308 -1.43 -21.35 27.36
CA PRO A 308 -1.39 -21.50 25.91
C PRO A 308 -0.76 -20.28 25.24
N ASP A 309 0.35 -20.52 24.54
CA ASP A 309 1.04 -19.45 23.85
C ASP A 309 0.21 -18.94 22.68
N PRO A 310 0.44 -17.70 22.25
CA PRO A 310 -0.33 -17.17 21.11
C PRO A 310 -0.21 -18.00 19.85
N LYS A 311 0.94 -18.61 19.59
CA LYS A 311 1.14 -19.39 18.37
C LYS A 311 0.64 -20.82 18.50
N THR A 312 0.31 -21.27 19.70
CA THR A 312 -0.32 -22.57 19.91
C THR A 312 -1.84 -22.47 19.91
N THR A 313 -2.37 -21.32 20.34
CA THR A 313 -3.80 -21.04 20.29
C THR A 313 -4.21 -20.62 18.88
N GLU A 314 -3.23 -20.42 17.98
CA GLU A 314 -3.46 -20.00 16.60
C GLU A 314 -3.94 -18.55 16.54
N GLU A 315 -3.28 -17.67 17.29
CA GLU A 315 -3.33 -16.22 17.07
C GLU A 315 -1.89 -15.75 16.95
N ALA A 316 -1.35 -15.85 15.74
CA ALA A 316 -0.01 -15.35 15.45
C ALA A 316 -0.04 -14.14 14.53
N ASP A 317 -1.20 -13.83 13.95
CA ASP A 317 -1.37 -12.63 13.14
C ASP A 317 -1.55 -11.39 13.99
N MET A 318 -1.88 -11.55 15.27
CA MET A 318 -2.21 -10.47 16.18
C MET A 318 -1.25 -10.44 17.35
N ILE A 319 0.04 -10.68 17.09
CA ILE A 319 1.02 -10.65 18.17
C ILE A 319 1.25 -9.22 18.67
N LEU A 320 1.26 -8.24 17.76
CA LEU A 320 1.51 -6.87 18.18
C LEU A 320 0.39 -6.34 19.07
N PRO A 321 -0.90 -6.46 18.71
CA PRO A 321 -1.95 -6.04 19.66
C PRO A 321 -1.86 -6.75 21.01
N ILE A 322 -1.55 -8.04 21.01
CA ILE A 322 -1.48 -8.79 22.26
C ILE A 322 -0.38 -8.25 23.16
N VAL A 323 0.80 -7.96 22.59
CA VAL A 323 1.87 -7.40 23.40
C VAL A 323 1.50 -6.02 23.91
N LEU A 324 0.99 -5.15 23.02
CA LEU A 324 0.67 -3.79 23.44
C LEU A 324 -0.44 -3.77 24.49
N GLN A 325 -1.27 -4.82 24.51
CA GLN A 325 -2.36 -4.85 25.49
C GLN A 325 -1.91 -5.45 26.82
N TYR A 326 -1.16 -6.55 26.77
CA TYR A 326 -0.92 -7.32 27.99
C TYR A 326 0.38 -6.91 28.68
N LEU A 327 1.36 -6.40 27.93
CA LEU A 327 2.66 -6.08 28.49
C LEU A 327 2.90 -4.58 28.60
N CYS A 328 1.83 -3.79 28.63
CA CYS A 328 1.95 -2.35 28.73
C CYS A 328 0.88 -1.80 29.67
N PRO A 329 1.16 -0.70 30.36
CA PRO A 329 0.12 -0.05 31.17
C PRO A 329 -0.94 0.60 30.29
N VAL A 330 -2.09 0.88 30.90
CA VAL A 330 -3.26 1.30 30.14
C VAL A 330 -3.02 2.66 29.47
N TYR A 331 -2.33 3.57 30.16
CA TYR A 331 -2.13 4.90 29.64
C TYR A 331 -1.44 4.76 28.30
N ILE A 332 -0.44 3.89 28.26
CA ILE A 332 0.32 3.72 27.03
C ILE A 332 -0.39 2.79 26.05
N SER A 333 -1.13 1.79 26.55
CA SER A 333 -1.85 0.89 25.66
C SER A 333 -2.88 1.65 24.83
N PHE A 334 -3.40 2.75 25.38
CA PHE A 334 -4.34 3.60 24.65
C PHE A 334 -3.67 4.12 23.39
N PHE A 335 -2.50 4.71 23.54
CA PHE A 335 -1.74 5.27 22.42
C PHE A 335 -1.32 4.17 21.45
N GLY A 336 -0.95 3.00 21.97
CA GLY A 336 -0.53 1.92 21.09
C GLY A 336 -1.66 1.39 20.23
N LEU A 337 -2.84 1.19 20.82
CA LEU A 337 -3.97 0.69 20.06
C LEU A 337 -4.45 1.72 19.04
N GLY A 338 -4.46 3.00 19.40
CA GLY A 338 -4.74 4.03 18.41
C GLY A 338 -3.76 3.98 17.25
N ALA A 339 -2.48 3.73 17.55
CA ALA A 339 -1.47 3.66 16.50
C ALA A 339 -1.70 2.48 15.57
N VAL A 340 -2.05 1.30 16.12
CA VAL A 340 -2.29 0.16 15.23
C VAL A 340 -3.54 0.39 14.38
N SER A 341 -4.57 1.01 14.96
CA SER A 341 -5.77 1.30 14.19
C SER A 341 -5.49 2.28 13.06
N ALA A 342 -4.66 3.30 13.32
CA ALA A 342 -4.25 4.20 12.25
C ALA A 342 -3.43 3.47 11.20
N ALA A 343 -2.58 2.53 11.63
CA ALA A 343 -1.69 1.84 10.70
C ALA A 343 -2.46 0.97 9.72
N VAL A 344 -3.50 0.26 10.18
CA VAL A 344 -4.18 -0.66 9.27
C VAL A 344 -4.97 0.05 8.17
N MET A 345 -5.30 1.33 8.35
CA MET A 345 -6.25 2.02 7.49
C MET A 345 -5.59 2.92 6.43
N SER A 346 -4.26 2.97 6.40
CA SER A 346 -3.57 4.09 5.76
C SER A 346 -3.81 4.17 4.25
N SER A 347 -3.79 3.04 3.55
CA SER A 347 -3.72 3.06 2.09
C SER A 347 -5.05 2.70 1.40
N ALA A 348 -6.19 3.05 1.99
CA ALA A 348 -7.46 2.76 1.34
C ALA A 348 -7.93 3.93 0.49
N ASP A 349 -7.85 5.15 1.04
CA ASP A 349 -8.28 6.33 0.31
C ASP A 349 -7.43 6.56 -0.94
N SER A 350 -6.12 6.34 -0.84
CA SER A 350 -5.25 6.49 -2.00
C SER A 350 -5.65 5.51 -3.10
N SER A 351 -5.97 4.26 -2.73
CA SER A 351 -6.38 3.28 -3.73
C SER A 351 -7.70 3.66 -4.38
N ILE A 352 -8.66 4.12 -3.59
CA ILE A 352 -9.95 4.53 -4.16
C ILE A 352 -9.76 5.69 -5.13
N LEU A 353 -8.98 6.70 -4.73
CA LEU A 353 -8.75 7.85 -5.60
C LEU A 353 -8.00 7.44 -6.87
N SER A 354 -7.01 6.56 -6.74
CA SER A 354 -6.27 6.08 -7.90
C SER A 354 -7.16 5.32 -8.87
N ALA A 355 -8.03 4.46 -8.35
CA ALA A 355 -8.93 3.72 -9.23
C ALA A 355 -9.92 4.65 -9.93
N SER A 356 -10.45 5.64 -9.20
CA SER A 356 -11.46 6.51 -9.78
C SER A 356 -10.87 7.50 -10.79
N SER A 357 -9.64 7.97 -10.55
CA SER A 357 -9.06 8.99 -11.43
C SER A 357 -8.85 8.48 -12.84
N MET A 358 -8.36 7.25 -12.98
CA MET A 358 -8.12 6.68 -14.30
C MET A 358 -9.40 6.47 -15.09
N PHE A 359 -10.46 5.97 -14.46
CA PHE A 359 -11.74 5.86 -15.17
C PHE A 359 -12.30 7.24 -15.51
N ALA A 360 -12.14 8.21 -14.61
CA ALA A 360 -12.66 9.55 -14.89
C ALA A 360 -11.97 10.18 -16.08
N ARG A 361 -10.66 10.01 -16.21
CA ARG A 361 -9.92 10.69 -17.26
C ARG A 361 -9.74 9.86 -18.53
N ASN A 362 -9.07 8.71 -18.42
CA ASN A 362 -8.63 8.01 -19.61
C ASN A 362 -9.77 7.27 -20.30
N ILE A 363 -10.70 6.71 -19.53
CA ILE A 363 -11.77 5.89 -20.08
C ILE A 363 -12.99 6.72 -20.45
N TYR A 364 -13.47 7.55 -19.53
CA TYR A 364 -14.68 8.32 -19.80
C TYR A 364 -14.40 9.49 -20.73
N GLN A 365 -13.39 10.29 -20.42
CA GLN A 365 -13.17 11.52 -21.17
C GLN A 365 -12.47 11.26 -22.50
N LEU A 366 -11.27 10.69 -22.46
CA LEU A 366 -10.40 10.65 -23.63
C LEU A 366 -10.82 9.62 -24.67
N SER A 367 -11.73 8.70 -24.35
CA SER A 367 -12.12 7.67 -25.29
C SER A 367 -13.61 7.73 -25.63
N PHE A 368 -14.50 7.76 -24.64
CA PHE A 368 -15.92 7.70 -24.92
C PHE A 368 -16.51 9.06 -25.24
N ARG A 369 -16.31 10.04 -24.34
CA ARG A 369 -16.92 11.36 -24.47
C ARG A 369 -15.82 12.42 -24.40
N GLN A 370 -15.24 12.75 -25.56
CA GLN A 370 -14.25 13.81 -25.59
C GLN A 370 -14.88 15.17 -25.32
N ASN A 371 -16.04 15.44 -25.92
CA ASN A 371 -16.69 16.74 -25.82
C ASN A 371 -17.54 16.79 -24.55
N ALA A 372 -16.86 17.04 -23.44
CA ALA A 372 -17.52 17.14 -22.15
C ALA A 372 -16.92 18.30 -21.36
N SER A 373 -17.79 19.05 -20.70
CA SER A 373 -17.37 20.18 -19.90
C SER A 373 -16.72 19.69 -18.60
N ASP A 374 -16.09 20.61 -17.88
CA ASP A 374 -15.43 20.25 -16.62
C ASP A 374 -16.43 19.85 -15.54
N LYS A 375 -17.62 20.45 -15.53
CA LYS A 375 -18.62 20.12 -14.53
C LYS A 375 -19.06 18.67 -14.64
N GLU A 376 -19.29 18.21 -15.88
CA GLU A 376 -19.70 16.82 -16.09
C GLU A 376 -18.62 15.86 -15.63
N ILE A 377 -17.35 16.15 -15.93
CA ILE A 377 -16.27 15.27 -15.52
C ILE A 377 -16.10 15.28 -14.00
N VAL A 378 -16.32 16.44 -13.36
CA VAL A 378 -16.27 16.48 -11.90
C VAL A 378 -17.35 15.59 -11.29
N TRP A 379 -18.58 15.69 -11.80
CA TRP A 379 -19.65 14.84 -11.28
C TRP A 379 -19.37 13.37 -11.56
N VAL A 380 -18.82 13.06 -12.74
CA VAL A 380 -18.45 11.69 -13.06
C VAL A 380 -17.42 11.15 -12.08
N MET A 381 -16.42 11.96 -11.74
CA MET A 381 -15.40 11.52 -10.80
C MET A 381 -16.00 11.26 -9.42
N ARG A 382 -16.89 12.14 -8.95
CA ARG A 382 -17.50 11.91 -7.64
C ARG A 382 -18.36 10.64 -7.62
N ILE A 383 -19.15 10.43 -8.68
CA ILE A 383 -19.98 9.22 -8.75
C ILE A 383 -19.10 7.99 -8.79
N THR A 384 -17.99 8.03 -9.54
CA THR A 384 -17.08 6.90 -9.60
C THR A 384 -16.47 6.61 -8.24
N VAL A 385 -16.07 7.65 -7.50
CA VAL A 385 -15.52 7.45 -6.16
C VAL A 385 -16.53 6.73 -5.28
N PHE A 386 -17.78 7.20 -5.28
CA PHE A 386 -18.79 6.57 -4.44
C PHE A 386 -19.02 5.12 -4.83
N VAL A 387 -19.14 4.84 -6.13
CA VAL A 387 -19.41 3.47 -6.57
C VAL A 387 -18.25 2.55 -6.23
N PHE A 388 -17.02 3.00 -6.43
CA PHE A 388 -15.87 2.15 -6.13
C PHE A 388 -15.75 1.87 -4.63
N GLY A 389 -15.99 2.88 -3.79
CA GLY A 389 -16.00 2.63 -2.36
C GLY A 389 -17.05 1.62 -1.95
N ALA A 390 -18.27 1.76 -2.48
CA ALA A 390 -19.33 0.82 -2.16
C ALA A 390 -18.99 -0.58 -2.62
N SER A 391 -18.43 -0.72 -3.83
CA SER A 391 -18.08 -2.04 -4.34
C SER A 391 -17.01 -2.69 -3.48
N ALA A 392 -15.99 -1.92 -3.08
CA ALA A 392 -14.92 -2.48 -2.25
C ALA A 392 -15.46 -2.92 -0.90
N THR A 393 -16.34 -2.13 -0.28
CA THR A 393 -16.91 -2.53 1.00
C THR A 393 -17.76 -3.80 0.85
N ALA A 394 -18.56 -3.89 -0.21
CA ALA A 394 -19.38 -5.07 -0.42
C ALA A 394 -18.51 -6.31 -0.64
N MET A 395 -17.45 -6.20 -1.42
CA MET A 395 -16.57 -7.34 -1.63
C MET A 395 -15.87 -7.76 -0.34
N ALA A 396 -15.47 -6.79 0.49
CA ALA A 396 -14.83 -7.12 1.75
C ALA A 396 -15.79 -7.83 2.69
N LEU A 397 -17.06 -7.41 2.71
CA LEU A 397 -17.99 -7.97 3.70
C LEU A 397 -18.56 -9.32 3.24
N LEU A 398 -18.90 -9.46 1.97
CA LEU A 398 -19.65 -10.64 1.53
C LEU A 398 -18.77 -11.78 1.04
N THR A 399 -17.99 -11.55 -0.01
CA THR A 399 -17.23 -12.64 -0.62
C THR A 399 -16.11 -13.13 0.30
N LYS A 400 -15.81 -14.42 0.21
CA LYS A 400 -14.78 -15.05 1.02
C LYS A 400 -13.50 -15.34 0.24
N THR A 401 -13.34 -14.77 -0.95
CA THR A 401 -12.17 -14.98 -1.78
C THR A 401 -11.40 -13.69 -2.04
N VAL A 402 -11.29 -12.83 -1.03
CA VAL A 402 -10.59 -11.55 -1.21
C VAL A 402 -9.09 -11.79 -1.40
N TYR A 403 -8.49 -12.60 -0.53
CA TYR A 403 -7.04 -12.82 -0.61
C TYR A 403 -6.67 -13.67 -1.82
N GLY A 404 -7.52 -14.63 -2.19
CA GLY A 404 -7.24 -15.43 -3.36
C GLY A 404 -7.16 -14.60 -4.63
N LEU A 405 -8.04 -13.61 -4.75
CA LEU A 405 -7.99 -12.71 -5.89
C LEU A 405 -6.91 -11.65 -5.76
N TRP A 406 -6.60 -11.21 -4.54
CA TRP A 406 -5.50 -10.27 -4.36
C TRP A 406 -4.18 -10.89 -4.79
N TYR A 407 -3.95 -12.16 -4.46
CA TYR A 407 -2.70 -12.81 -4.86
C TYR A 407 -2.59 -12.90 -6.37
N LEU A 408 -3.71 -13.20 -7.05
CA LEU A 408 -3.68 -13.27 -8.52
C LEU A 408 -3.44 -11.90 -9.14
N SER A 409 -4.08 -10.86 -8.61
CA SER A 409 -3.93 -9.52 -9.18
C SER A 409 -2.54 -8.97 -8.94
N SER A 410 -1.93 -9.27 -7.78
CA SER A 410 -0.57 -8.83 -7.51
C SER A 410 0.41 -9.43 -8.51
N ASP A 411 0.26 -10.72 -8.81
CA ASP A 411 1.11 -11.35 -9.81
C ASP A 411 0.85 -10.78 -11.19
N LEU A 412 -0.41 -10.54 -11.54
CA LEU A 412 -0.71 -10.00 -12.86
C LEU A 412 -0.11 -8.61 -13.07
N VAL A 413 -0.18 -7.74 -12.06
CA VAL A 413 0.44 -6.43 -12.20
C VAL A 413 1.93 -6.55 -12.47
N TYR A 414 2.63 -7.32 -11.65
CA TYR A 414 4.08 -7.43 -11.77
C TYR A 414 4.50 -8.11 -13.08
N ILE A 415 3.67 -9.01 -13.60
CA ILE A 415 4.06 -9.73 -14.81
C ILE A 415 3.71 -8.93 -16.07
N VAL A 416 2.63 -8.17 -16.04
CA VAL A 416 2.13 -7.49 -17.23
C VAL A 416 2.55 -6.03 -17.27
N ILE A 417 2.19 -5.24 -16.25
CA ILE A 417 2.33 -3.79 -16.35
C ILE A 417 3.80 -3.38 -16.31
N PHE A 418 4.59 -4.01 -15.43
CA PHE A 418 5.97 -3.59 -15.25
C PHE A 418 6.82 -3.73 -16.53
N PRO A 419 6.76 -4.85 -17.26
CA PRO A 419 7.53 -4.92 -18.51
C PRO A 419 7.14 -3.87 -19.54
N GLN A 420 5.87 -3.44 -19.58
CA GLN A 420 5.47 -2.44 -20.56
C GLN A 420 5.99 -1.06 -20.18
N LEU A 421 6.05 -0.76 -18.87
CA LEU A 421 6.58 0.52 -18.43
C LEU A 421 8.05 0.68 -18.81
N LEU A 422 8.85 -0.36 -18.60
CA LEU A 422 10.24 -0.32 -19.02
C LEU A 422 10.35 -0.12 -20.52
N CYS A 423 9.51 -0.81 -21.29
CA CYS A 423 9.58 -0.71 -22.75
C CYS A 423 9.24 0.70 -23.24
N VAL A 424 8.21 1.33 -22.67
CA VAL A 424 7.83 2.67 -23.13
C VAL A 424 8.87 3.69 -22.69
N LEU A 425 9.37 3.57 -21.45
CA LEU A 425 10.24 4.61 -20.92
C LEU A 425 11.66 4.51 -21.48
N PHE A 426 12.18 3.30 -21.65
CA PHE A 426 13.62 3.12 -21.85
C PHE A 426 14.01 2.44 -23.16
N VAL A 427 13.05 1.92 -23.93
CA VAL A 427 13.38 1.21 -25.17
C VAL A 427 12.73 1.95 -26.33
N LYS A 428 13.54 2.35 -27.30
CA LYS A 428 13.01 2.94 -28.51
C LYS A 428 12.79 1.88 -29.57
N GLY A 429 11.89 2.17 -30.51
CA GLY A 429 11.54 1.22 -31.54
C GLY A 429 10.41 0.28 -31.19
N THR A 430 9.88 0.35 -29.97
CA THR A 430 8.74 -0.48 -29.62
C THR A 430 7.51 -0.05 -30.41
N ASN A 431 6.62 -1.01 -30.65
CA ASN A 431 5.42 -0.79 -31.43
C ASN A 431 4.22 -1.19 -30.57
N THR A 432 3.04 -1.18 -31.17
CA THR A 432 1.87 -1.80 -30.57
C THR A 432 1.67 -3.23 -31.03
N TYR A 433 2.53 -3.73 -31.92
CA TYR A 433 2.53 -5.13 -32.32
C TYR A 433 3.25 -6.03 -31.33
N GLY A 434 4.04 -5.45 -30.42
CA GLY A 434 4.72 -6.21 -29.41
C GLY A 434 4.04 -6.08 -28.06
N ALA A 435 3.29 -5.00 -27.88
CA ALA A 435 2.50 -4.84 -26.66
C ALA A 435 1.44 -5.93 -26.55
N VAL A 436 0.76 -6.24 -27.66
CA VAL A 436 -0.23 -7.31 -27.65
C VAL A 436 0.43 -8.66 -27.38
N ALA A 437 1.60 -8.91 -27.99
CA ALA A 437 2.29 -10.16 -27.75
C ALA A 437 2.69 -10.31 -26.29
N GLY A 438 3.22 -9.25 -25.68
CA GLY A 438 3.57 -9.32 -24.27
C GLY A 438 2.35 -9.51 -23.39
N TYR A 439 1.27 -8.78 -23.67
CA TYR A 439 0.05 -8.90 -22.88
C TYR A 439 -0.53 -10.30 -22.95
N VAL A 440 -0.51 -10.92 -24.14
CA VAL A 440 -1.03 -12.27 -24.28
C VAL A 440 -0.10 -13.27 -23.61
N SER A 441 1.21 -13.12 -23.79
CA SER A 441 2.16 -14.12 -23.29
C SER A 441 2.23 -14.13 -21.78
N GLY A 442 2.21 -12.96 -21.14
CA GLY A 442 2.22 -12.93 -19.69
C GLY A 442 0.97 -13.55 -19.08
N LEU A 443 -0.20 -13.18 -19.62
CA LEU A 443 -1.45 -13.72 -19.11
C LEU A 443 -1.56 -15.22 -19.33
N PHE A 444 -1.14 -15.70 -20.50
CA PHE A 444 -1.21 -17.13 -20.79
C PHE A 444 -0.39 -17.94 -19.79
N LEU A 445 0.85 -17.50 -19.55
CA LEU A 445 1.71 -18.22 -18.62
C LEU A 445 1.23 -18.12 -17.19
N ARG A 446 0.68 -16.97 -16.79
CA ARG A 446 0.19 -16.86 -15.42
C ARG A 446 -1.02 -17.76 -15.20
N ILE A 447 -1.98 -17.74 -16.11
CA ILE A 447 -3.21 -18.50 -15.91
C ILE A 447 -2.98 -19.99 -16.06
N THR A 448 -2.27 -20.41 -17.11
CA THR A 448 -2.10 -21.86 -17.36
C THR A 448 -0.99 -22.42 -16.48
N GLY A 449 0.23 -21.92 -16.66
CA GLY A 449 1.36 -22.40 -15.88
C GLY A 449 2.69 -21.81 -16.29
N PRO A 478 11.42 -20.65 -9.77
CA PRO A 478 10.44 -19.57 -9.70
C PRO A 478 9.84 -19.28 -11.06
N PHE A 479 8.55 -19.57 -11.24
CA PHE A 479 7.89 -19.31 -12.51
C PHE A 479 7.27 -17.91 -12.59
N LYS A 480 7.14 -17.20 -11.46
CA LYS A 480 6.60 -15.86 -11.51
C LYS A 480 7.58 -14.89 -12.16
N THR A 481 8.86 -14.96 -11.79
CA THR A 481 9.84 -14.07 -12.40
C THR A 481 10.14 -14.48 -13.84
N LEU A 482 10.14 -15.77 -14.14
CA LEU A 482 10.40 -16.20 -15.51
C LEU A 482 9.30 -15.76 -16.47
N ALA A 483 8.07 -15.59 -15.97
CA ALA A 483 7.01 -15.06 -16.83
C ALA A 483 7.24 -13.58 -17.14
N MET A 484 7.78 -12.83 -16.18
CA MET A 484 8.08 -11.42 -16.42
C MET A 484 9.16 -11.26 -17.49
N VAL A 485 10.21 -12.08 -17.44
CA VAL A 485 11.27 -11.99 -18.44
C VAL A 485 10.77 -12.46 -19.80
N THR A 486 9.94 -13.52 -19.83
CA THR A 486 9.36 -13.96 -21.09
C THR A 486 8.42 -12.91 -21.67
N SER A 487 7.62 -12.26 -20.81
CA SER A 487 6.78 -11.18 -21.29
C SER A 487 7.60 -10.01 -21.81
N PHE A 488 8.69 -9.67 -21.11
CA PHE A 488 9.53 -8.57 -21.56
C PHE A 488 10.25 -8.90 -22.86
N LEU A 489 10.79 -10.11 -22.97
CA LEU A 489 11.59 -10.49 -24.12
C LEU A 489 10.75 -10.85 -25.35
N THR A 490 9.45 -11.10 -25.17
CA THR A 490 8.54 -11.26 -26.31
C THR A 490 8.05 -9.93 -26.82
N ASN A 491 8.06 -8.89 -25.98
CA ASN A 491 7.69 -7.56 -26.41
C ASN A 491 8.70 -6.99 -27.41
N ILE A 492 9.98 -7.28 -27.22
CA ILE A 492 11.01 -6.65 -28.03
C ILE A 492 11.15 -7.37 -29.37
N CYS A 493 11.19 -8.70 -29.37
CA CYS A 493 11.46 -9.42 -30.60
C CYS A 493 10.35 -9.24 -31.62
N ILE A 494 9.09 -9.27 -31.20
CA ILE A 494 7.99 -9.12 -32.15
C ILE A 494 7.92 -7.70 -32.67
N SER A 495 8.13 -6.71 -31.79
CA SER A 495 8.06 -5.32 -32.23
C SER A 495 9.13 -5.01 -33.26
N TYR A 496 10.34 -5.54 -33.06
CA TYR A 496 11.39 -5.39 -34.07
C TYR A 496 11.09 -6.20 -35.32
N LEU A 497 10.51 -7.40 -35.15
CA LEU A 497 10.18 -8.23 -36.30
C LEU A 497 9.09 -7.59 -37.15
N ALA A 498 8.09 -6.98 -36.50
CA ALA A 498 6.99 -6.36 -37.23
C ALA A 498 7.48 -5.23 -38.13
N LYS A 499 8.55 -4.55 -37.74
CA LYS A 499 9.16 -3.55 -38.62
C LYS A 499 9.72 -4.22 -39.87
N TYR A 500 10.35 -5.38 -39.71
CA TYR A 500 10.83 -6.13 -40.87
C TYR A 500 9.68 -6.83 -41.59
N LEU A 501 8.52 -6.93 -40.92
CA LEU A 501 7.35 -7.63 -41.44
C LEU A 501 7.65 -9.10 -41.71
#